data_3T8D
#
_entry.id   3T8D
#
_cell.length_a   92.800
_cell.length_b   92.800
_cell.length_c   130.100
_cell.angle_alpha   90.00
_cell.angle_beta   90.00
_cell.angle_gamma   120.00
#
_symmetry.space_group_name_H-M   'P 61 2 2'
#
loop_
_entity.id
_entity.type
_entity.pdbx_description
1 polymer Thermolysin
2 non-polymer N-[(S)-({[(benzyloxy)carbonyl]amino}methyl)(hydroxy)phosphoryl]-L-leucyl-L-isoleucine
3 non-polymer GLYCEROL
4 non-polymer 'DIMETHYL SULFOXIDE'
5 non-polymer 'ZINC ION'
6 non-polymer 'CALCIUM ION'
7 water water
#
_entity_poly.entity_id   1
_entity_poly.type   'polypeptide(L)'
_entity_poly.pdbx_seq_one_letter_code
;ITGTSTVGVGRGVLGDQKNINTTYSTYYYLQDNTRGNGIFTYDAKYRTTLPGSLWADADNQFFASYDAPAVDAHYYAGVT
YDYYKNVHNRLSYDGNNAAIRSSVHYSQGYNNAFWNGSQMVYGDGDGQTFIPLSGGIDVVAHELTHAVTDYTAGLIYQNE
SGAINEAISDIFGTLVEFYANKNPDWEIGEDVYTPGISGDSLRSMSDPAKYGDPDHYSKRYTGTQDNGGVHINSGIINKA
AYLISQGGTHYGVSVVGIGRDKLGKIFYRALTQYLTPTSNFSQLRAAAVQSATDLYGSTSQEVASVKQAFDAVGVK
;
_entity_poly.pdbx_strand_id   A
#
loop_
_chem_comp.id
_chem_comp.type
_chem_comp.name
_chem_comp.formula
CA non-polymer 'CALCIUM ION' 'Ca 2'
DMS non-polymer 'DIMETHYL SULFOXIDE' 'C2 H6 O S'
GOL non-polymer GLYCEROL 'C3 H8 O3'
UBV peptide-like N-[(S)-({[(benzyloxy)carbonyl]amino}methyl)(hydroxy)phosphoryl]-L-leucyl-L-isoleucine 'C21 H34 N3 O7 P'
ZN non-polymer 'ZINC ION' 'Zn 2'
#
# COMPACT_ATOMS: atom_id res chain seq x y z
N ILE A 1 4.43 -25.08 4.10
CA ILE A 1 4.86 -26.47 4.08
C ILE A 1 6.26 -26.64 4.66
N THR A 2 6.59 -27.87 5.04
CA THR A 2 7.91 -28.17 5.56
C THR A 2 8.88 -28.47 4.42
N GLY A 3 10.00 -27.78 4.40
CA GLY A 3 10.99 -28.01 3.36
C GLY A 3 12.23 -27.18 3.62
N THR A 4 13.10 -27.06 2.62
CA THR A 4 14.31 -26.29 2.82
C THR A 4 14.23 -24.99 2.02
N SER A 5 14.76 -23.93 2.61
CA SER A 5 14.71 -22.62 1.97
C SER A 5 15.64 -22.55 0.76
N THR A 6 15.09 -22.03 -0.33
CA THR A 6 15.81 -21.99 -1.60
C THR A 6 15.64 -20.60 -2.22
N VAL A 7 16.35 -20.34 -3.31
CA VAL A 7 16.24 -19.07 -4.02
C VAL A 7 15.98 -19.33 -5.49
N GLY A 8 14.78 -18.96 -5.94
CA GLY A 8 14.41 -19.07 -7.34
C GLY A 8 14.66 -17.77 -8.08
N VAL A 9 14.41 -17.78 -9.37
CA VAL A 9 14.61 -16.59 -10.19
CA VAL A 9 14.61 -16.59 -10.20
C VAL A 9 13.48 -16.52 -11.19
N GLY A 10 13.04 -15.32 -11.52
CA GLY A 10 11.96 -15.19 -12.48
C GLY A 10 11.83 -13.77 -12.99
N ARG A 11 10.74 -13.53 -13.70
CA ARG A 11 10.43 -12.23 -14.27
CA ARG A 11 10.45 -12.20 -14.24
C ARG A 11 9.09 -11.72 -13.74
N GLY A 12 9.04 -10.44 -13.38
CA GLY A 12 7.80 -9.85 -12.91
C GLY A 12 6.94 -9.35 -14.07
N VAL A 13 5.82 -8.74 -13.70
CA VAL A 13 4.82 -8.26 -14.65
C VAL A 13 5.39 -7.28 -15.67
N LEU A 14 6.34 -6.45 -15.25
CA LEU A 14 6.95 -5.47 -16.14
C LEU A 14 8.18 -6.00 -16.88
N GLY A 15 8.48 -7.28 -16.72
CA GLY A 15 9.55 -7.88 -17.50
C GLY A 15 10.92 -7.83 -16.83
N ASP A 16 10.94 -7.42 -15.57
CA ASP A 16 12.19 -7.33 -14.81
C ASP A 16 12.53 -8.64 -14.11
N GLN A 17 13.82 -9.00 -14.13
CA GLN A 17 14.26 -10.22 -13.48
C GLN A 17 14.52 -9.99 -12.00
N LYS A 18 14.10 -10.92 -11.16
CA LYS A 18 14.39 -10.82 -9.74
C LYS A 18 14.49 -12.19 -9.10
N ASN A 19 15.21 -12.24 -7.99
CA ASN A 19 15.32 -13.46 -7.20
C ASN A 19 14.18 -13.50 -6.20
N ILE A 20 13.67 -14.71 -5.93
CA ILE A 20 12.60 -14.87 -4.96
CA ILE A 20 12.62 -14.85 -4.94
C ILE A 20 12.91 -16.00 -3.99
N ASN A 21 12.51 -15.83 -2.74
CA ASN A 21 12.69 -16.84 -1.72
C ASN A 21 11.62 -17.90 -1.83
N THR A 22 12.05 -19.15 -2.02
CA THR A 22 11.13 -20.26 -2.20
C THR A 22 11.41 -21.36 -1.18
N THR A 23 10.60 -22.41 -1.19
CA THR A 23 10.80 -23.56 -0.33
C THR A 23 10.74 -24.85 -1.15
N TYR A 24 11.71 -25.72 -0.99
CA TYR A 24 11.74 -26.96 -1.75
C TYR A 24 11.26 -28.15 -0.94
N SER A 25 10.27 -28.85 -1.50
CA SER A 25 9.84 -30.15 -1.01
C SER A 25 9.07 -30.79 -2.16
N THR A 26 9.77 -31.60 -2.94
CA THR A 26 9.29 -32.16 -4.20
C THR A 26 9.15 -31.08 -5.28
N TYR A 27 8.31 -30.09 -4.99
CA TYR A 27 8.21 -28.88 -5.80
C TYR A 27 8.89 -27.72 -5.10
N TYR A 28 9.09 -26.64 -5.87
CA TYR A 28 9.52 -25.36 -5.31
C TYR A 28 8.29 -24.48 -5.12
N TYR A 29 8.05 -24.08 -3.89
CA TYR A 29 6.85 -23.31 -3.55
C TYR A 29 7.18 -21.86 -3.30
N LEU A 30 6.24 -20.97 -3.63
CA LEU A 30 6.39 -19.56 -3.28
C LEU A 30 6.09 -19.40 -1.80
N GLN A 31 7.09 -19.74 -1.01
CA GLN A 31 7.05 -19.68 0.44
C GLN A 31 8.42 -19.18 0.87
N ASP A 32 8.43 -17.96 1.39
CA ASP A 32 9.63 -17.25 1.79
C ASP A 32 9.76 -17.40 3.30
N ASN A 33 10.73 -18.20 3.74
CA ASN A 33 10.92 -18.47 5.17
C ASN A 33 11.85 -17.46 5.85
N THR A 34 12.34 -16.49 5.09
CA THR A 34 13.37 -15.57 5.61
C THR A 34 12.74 -14.39 6.36
N ARG A 35 11.43 -14.26 6.27
CA ARG A 35 10.74 -13.11 6.85
C ARG A 35 9.61 -13.56 7.78
N GLY A 36 9.76 -13.29 9.06
CA GLY A 36 8.74 -13.61 10.03
C GLY A 36 8.36 -15.07 10.00
N ASN A 37 7.06 -15.32 10.06
CA ASN A 37 6.55 -16.69 9.95
C ASN A 37 6.14 -17.05 8.53
N GLY A 38 6.74 -16.34 7.58
CA GLY A 38 6.66 -16.70 6.18
C GLY A 38 5.81 -15.77 5.35
N ILE A 39 6.14 -15.72 4.07
CA ILE A 39 5.33 -15.06 3.05
C ILE A 39 4.94 -16.14 2.06
N PHE A 40 3.64 -16.27 1.82
CA PHE A 40 3.09 -17.38 1.04
C PHE A 40 2.27 -16.81 -0.11
N THR A 41 2.54 -17.28 -1.32
CA THR A 41 1.82 -16.79 -2.50
C THR A 41 1.09 -17.94 -3.17
N TYR A 42 -0.18 -17.70 -3.49
CA TYR A 42 -1.13 -18.71 -3.95
C TYR A 42 -1.65 -18.41 -5.36
N ASP A 43 -2.03 -19.47 -6.06
CA ASP A 43 -2.68 -19.37 -7.37
C ASP A 43 -4.19 -19.53 -7.21
N ALA A 44 -4.95 -18.47 -7.53
CA ALA A 44 -6.41 -18.57 -7.53
C ALA A 44 -7.01 -19.11 -8.85
N LYS A 45 -6.17 -19.30 -9.86
CA LYS A 45 -6.54 -20.03 -11.09
C LYS A 45 -7.75 -19.45 -11.83
N TYR A 46 -7.86 -18.13 -11.81
CA TYR A 46 -8.93 -17.39 -12.47
C TYR A 46 -10.29 -17.55 -11.79
N ARG A 47 -10.30 -18.19 -10.62
CA ARG A 47 -11.55 -18.35 -9.88
C ARG A 47 -11.55 -17.47 -8.63
N THR A 48 -12.61 -17.58 -7.84
CA THR A 48 -12.79 -16.66 -6.72
C THR A 48 -12.77 -17.36 -5.37
N THR A 49 -12.44 -18.64 -5.37
CA THR A 49 -12.27 -19.35 -4.12
CA THR A 49 -12.24 -19.40 -4.14
C THR A 49 -10.88 -19.06 -3.57
N LEU A 50 -10.80 -18.68 -2.30
CA LEU A 50 -9.55 -18.24 -1.70
C LEU A 50 -9.13 -19.14 -0.55
N PRO A 51 -7.80 -19.32 -0.36
CA PRO A 51 -6.73 -18.65 -1.10
C PRO A 51 -6.38 -19.30 -2.42
N GLY A 52 -6.89 -20.50 -2.68
CA GLY A 52 -6.44 -21.25 -3.83
C GLY A 52 -5.31 -22.18 -3.43
N SER A 53 -4.39 -22.47 -4.34
CA SER A 53 -3.31 -23.42 -4.07
CA SER A 53 -3.33 -23.41 -4.01
C SER A 53 -1.97 -22.74 -3.86
N LEU A 54 -1.22 -23.17 -2.84
CA LEU A 54 0.11 -22.62 -2.63
C LEU A 54 0.91 -22.80 -3.92
N TRP A 55 1.56 -21.73 -4.37
CA TRP A 55 2.15 -21.75 -5.71
C TRP A 55 3.29 -22.77 -5.80
N ALA A 56 3.14 -23.75 -6.68
CA ALA A 56 4.13 -24.82 -6.86
C ALA A 56 4.76 -24.76 -8.25
N ASP A 57 6.07 -24.97 -8.29
CA ASP A 57 6.81 -24.89 -9.54
C ASP A 57 7.88 -25.99 -9.59
N ALA A 58 7.99 -26.65 -10.74
CA ALA A 58 8.88 -27.80 -10.85
C ALA A 58 10.38 -27.49 -10.78
N ASP A 59 10.81 -26.32 -11.28
CA ASP A 59 12.25 -26.08 -11.47
C ASP A 59 12.81 -24.83 -10.80
N ASN A 60 11.98 -24.10 -10.05
CA ASN A 60 12.44 -22.92 -9.32
C ASN A 60 12.78 -21.75 -10.26
N GLN A 61 12.32 -21.85 -11.50
CA GLN A 61 12.47 -20.78 -12.48
CA GLN A 61 12.46 -20.78 -12.49
C GLN A 61 11.07 -20.25 -12.83
N PHE A 62 10.89 -18.94 -12.75
CA PHE A 62 9.56 -18.37 -12.85
C PHE A 62 9.49 -17.32 -13.97
N PHE A 63 9.74 -17.77 -15.20
CA PHE A 63 9.81 -16.89 -16.36
C PHE A 63 8.61 -16.97 -17.29
N ALA A 64 7.63 -17.80 -16.94
CA ALA A 64 6.43 -17.91 -17.78
C ALA A 64 5.54 -16.70 -17.55
N SER A 65 4.78 -16.30 -18.57
CA SER A 65 3.90 -15.16 -18.43
CA SER A 65 3.88 -15.17 -18.44
CA SER A 65 3.87 -15.18 -18.45
C SER A 65 2.93 -15.37 -17.26
N TYR A 66 2.44 -16.59 -17.10
CA TYR A 66 1.52 -16.90 -16.01
C TYR A 66 2.18 -16.72 -14.63
N ASP A 67 3.49 -16.87 -14.58
CA ASP A 67 4.23 -16.76 -13.32
C ASP A 67 4.36 -15.30 -12.85
N ALA A 68 4.35 -14.35 -13.78
CA ALA A 68 4.75 -12.97 -13.48
C ALA A 68 4.00 -12.31 -12.31
N PRO A 69 2.67 -12.44 -12.28
CA PRO A 69 1.98 -11.78 -11.16
C PRO A 69 2.34 -12.41 -9.80
N ALA A 70 2.64 -13.71 -9.79
CA ALA A 70 3.03 -14.38 -8.56
C ALA A 70 4.41 -13.92 -8.09
N VAL A 71 5.35 -13.82 -9.04
CA VAL A 71 6.69 -13.33 -8.74
C VAL A 71 6.61 -11.97 -8.02
N ASP A 72 5.81 -11.05 -8.58
CA ASP A 72 5.74 -9.70 -8.04
C ASP A 72 4.98 -9.62 -6.72
N ALA A 73 3.86 -10.34 -6.60
CA ALA A 73 3.15 -10.34 -5.33
C ALA A 73 4.07 -10.82 -4.20
N HIS A 74 4.83 -11.87 -4.49
CA HIS A 74 5.70 -12.51 -3.51
C HIS A 74 6.85 -11.56 -3.17
N TYR A 75 7.50 -11.03 -4.19
CA TYR A 75 8.67 -10.18 -4.00
C TYR A 75 8.30 -8.86 -3.32
N TYR A 76 7.24 -8.20 -3.79
CA TYR A 76 6.87 -6.91 -3.20
C TYR A 76 6.29 -7.06 -1.79
N ALA A 77 5.68 -8.21 -1.49
CA ALA A 77 5.31 -8.46 -0.10
C ALA A 77 6.58 -8.48 0.77
N GLY A 78 7.64 -9.09 0.26
CA GLY A 78 8.92 -9.07 0.94
C GLY A 78 9.45 -7.66 1.17
N VAL A 79 9.40 -6.83 0.13
CA VAL A 79 9.89 -5.46 0.28
C VAL A 79 9.08 -4.71 1.33
N THR A 80 7.76 -4.93 1.31
CA THR A 80 6.88 -4.24 2.25
C THR A 80 7.13 -4.69 3.69
N TYR A 81 7.32 -6.00 3.87
CA TYR A 81 7.72 -6.53 5.17
C TYR A 81 9.02 -5.85 5.66
N ASP A 82 9.99 -5.74 4.76
CA ASP A 82 11.27 -5.12 5.11
C ASP A 82 11.10 -3.66 5.52
N TYR A 83 10.29 -2.92 4.77
CA TYR A 83 10.02 -1.54 5.13
C TYR A 83 9.47 -1.42 6.56
N TYR A 84 8.41 -2.16 6.84
CA TYR A 84 7.82 -2.07 8.17
C TYR A 84 8.79 -2.47 9.29
N LYS A 85 9.57 -3.53 9.04
CA LYS A 85 10.52 -4.01 10.05
C LYS A 85 11.68 -3.03 10.22
N ASN A 86 12.29 -2.63 9.11
CA ASN A 86 13.53 -1.83 9.18
C ASN A 86 13.26 -0.39 9.55
N VAL A 87 12.16 0.16 9.06
CA VAL A 87 11.86 1.57 9.27
C VAL A 87 11.04 1.82 10.53
N HIS A 88 10.08 0.94 10.83
CA HIS A 88 9.17 1.17 11.96
C HIS A 88 9.27 0.13 13.08
N ASN A 89 10.19 -0.81 12.94
CA ASN A 89 10.36 -1.87 13.93
C ASN A 89 9.05 -2.64 14.14
N ARG A 90 8.31 -2.84 13.06
CA ARG A 90 7.06 -3.59 13.13
C ARG A 90 7.24 -4.92 12.40
N LEU A 91 6.92 -6.01 13.09
CA LEU A 91 7.09 -7.35 12.54
C LEU A 91 5.80 -7.86 11.92
N SER A 92 5.72 -7.78 10.59
CA SER A 92 4.51 -8.12 9.84
C SER A 92 3.32 -7.23 10.20
N TYR A 93 2.14 -7.57 9.68
CA TYR A 93 1.01 -6.67 9.84
C TYR A 93 0.43 -6.64 11.24
N ASP A 94 0.59 -7.73 11.99
CA ASP A 94 0.05 -7.80 13.34
C ASP A 94 1.09 -7.42 14.40
N GLY A 95 2.32 -7.15 13.98
CA GLY A 95 3.38 -6.83 14.93
C GLY A 95 3.99 -8.06 15.60
N ASN A 96 3.50 -9.25 15.24
CA ASN A 96 4.00 -10.50 15.81
CA ASN A 96 3.99 -10.49 15.79
C ASN A 96 4.35 -11.50 14.70
N ASN A 97 4.78 -10.99 13.56
CA ASN A 97 5.25 -11.83 12.48
C ASN A 97 4.19 -12.78 11.91
N ALA A 98 2.93 -12.37 11.87
CA ALA A 98 1.91 -13.16 11.20
C ALA A 98 2.34 -13.53 9.77
N ALA A 99 2.03 -14.76 9.37
CA ALA A 99 2.23 -15.16 7.99
C ALA A 99 1.49 -14.23 7.03
N ILE A 100 2.18 -13.83 5.96
CA ILE A 100 1.58 -12.96 4.95
C ILE A 100 1.18 -13.78 3.74
N ARG A 101 -0.10 -13.78 3.42
CA ARG A 101 -0.62 -14.58 2.30
C ARG A 101 -1.21 -13.72 1.19
N SER A 102 -0.90 -14.06 -0.06
CA SER A 102 -1.42 -13.37 -1.24
C SER A 102 -1.92 -14.37 -2.24
N SER A 103 -3.02 -14.07 -2.91
CA SER A 103 -3.46 -14.86 -4.05
C SER A 103 -3.44 -14.01 -5.31
N VAL A 104 -2.94 -14.58 -6.40
CA VAL A 104 -2.94 -13.91 -7.70
C VAL A 104 -3.80 -14.69 -8.69
N HIS A 105 -4.00 -14.13 -9.88
CA HIS A 105 -4.94 -14.69 -10.85
C HIS A 105 -6.33 -14.86 -10.25
N TYR A 106 -6.75 -13.88 -9.46
CA TYR A 106 -8.11 -13.89 -8.90
C TYR A 106 -9.14 -13.49 -9.94
N SER A 107 -10.12 -14.36 -10.14
CA SER A 107 -11.21 -14.11 -11.09
C SER A 107 -10.70 -13.91 -12.52
N GLN A 108 -11.56 -13.36 -13.38
CA GLN A 108 -11.23 -13.12 -14.78
C GLN A 108 -11.37 -11.64 -15.10
N GLY A 109 -10.33 -11.07 -15.70
CA GLY A 109 -10.34 -9.67 -16.09
C GLY A 109 -10.61 -8.73 -14.93
N TYR A 110 -10.12 -9.09 -13.75
CA TYR A 110 -10.51 -8.41 -12.51
C TYR A 110 -9.67 -7.16 -12.27
N ASN A 111 -10.31 -6.00 -12.34
CA ASN A 111 -9.64 -4.71 -12.27
C ASN A 111 -9.56 -4.17 -10.84
N ASN A 112 -9.00 -4.96 -9.92
CA ASN A 112 -8.85 -4.48 -8.56
C ASN A 112 -7.93 -5.40 -7.77
N ALA A 113 -7.63 -4.99 -6.55
CA ALA A 113 -6.89 -5.78 -5.59
C ALA A 113 -7.47 -5.41 -4.23
N PHE A 114 -7.35 -6.30 -3.25
CA PHE A 114 -7.92 -6.02 -1.93
C PHE A 114 -7.34 -6.88 -0.84
N TRP A 115 -7.57 -6.45 0.40
CA TRP A 115 -7.31 -7.27 1.58
C TRP A 115 -8.67 -7.78 2.04
N ASN A 116 -8.82 -9.10 2.15
CA ASN A 116 -10.14 -9.67 2.42
C ASN A 116 -10.45 -9.91 3.89
N GLY A 117 -9.62 -9.36 4.77
CA GLY A 117 -9.70 -9.60 6.20
C GLY A 117 -8.63 -10.55 6.69
N SER A 118 -8.05 -11.33 5.78
CA SER A 118 -7.10 -12.38 6.11
C SER A 118 -5.90 -12.48 5.17
N GLN A 119 -6.04 -11.92 3.96
CA GLN A 119 -5.01 -12.09 2.95
C GLN A 119 -5.15 -11.04 1.87
N MET A 120 -4.09 -10.85 1.09
CA MET A 120 -4.13 -10.00 -0.09
C MET A 120 -4.60 -10.76 -1.31
N VAL A 121 -5.30 -10.06 -2.21
CA VAL A 121 -5.91 -10.67 -3.39
C VAL A 121 -5.68 -9.74 -4.58
N TYR A 122 -5.17 -10.29 -5.70
CA TYR A 122 -4.87 -9.48 -6.88
C TYR A 122 -5.52 -10.01 -8.14
N GLY A 123 -6.28 -9.15 -8.82
CA GLY A 123 -6.77 -9.47 -10.13
C GLY A 123 -5.66 -9.36 -11.17
N ASP A 124 -5.93 -9.91 -12.35
CA ASP A 124 -5.03 -9.77 -13.48
C ASP A 124 -5.31 -8.50 -14.31
N GLY A 125 -6.43 -7.83 -14.03
CA GLY A 125 -6.89 -6.75 -14.89
C GLY A 125 -7.42 -7.29 -16.19
N ASP A 126 -8.09 -6.42 -16.96
CA ASP A 126 -8.68 -6.83 -18.23
C ASP A 126 -7.73 -6.58 -19.40
N GLY A 127 -6.52 -6.13 -19.10
CA GLY A 127 -5.52 -5.88 -20.13
C GLY A 127 -5.58 -4.47 -20.71
N GLN A 128 -6.66 -3.75 -20.44
CA GLN A 128 -6.85 -2.41 -20.96
C GLN A 128 -6.85 -1.38 -19.82
N THR A 129 -7.71 -1.62 -18.83
CA THR A 129 -7.73 -0.77 -17.64
C THR A 129 -6.53 -1.05 -16.75
N PHE A 130 -6.21 -2.33 -16.56
CA PHE A 130 -5.07 -2.75 -15.75
C PHE A 130 -4.35 -3.93 -16.38
N ILE A 131 -3.05 -4.03 -16.10
CA ILE A 131 -2.33 -5.30 -16.21
C ILE A 131 -2.28 -5.87 -14.78
N PRO A 132 -1.73 -7.08 -14.59
CA PRO A 132 -1.87 -7.71 -13.27
C PRO A 132 -1.38 -6.79 -12.14
N LEU A 133 -2.24 -6.61 -11.14
CA LEU A 133 -2.08 -5.48 -10.23
C LEU A 133 -0.91 -5.61 -9.25
N SER A 134 -0.44 -6.84 -9.03
CA SER A 134 0.73 -7.03 -8.19
C SER A 134 2.01 -6.47 -8.83
N GLY A 135 1.93 -6.05 -10.09
CA GLY A 135 3.07 -5.40 -10.75
C GLY A 135 3.42 -4.05 -10.17
N GLY A 136 2.52 -3.47 -9.36
CA GLY A 136 2.77 -2.18 -8.75
C GLY A 136 3.18 -2.32 -7.29
N ILE A 137 4.39 -1.87 -6.97
CA ILE A 137 4.85 -1.97 -5.59
C ILE A 137 3.99 -1.12 -4.67
N ASP A 138 3.55 0.05 -5.14
CA ASP A 138 2.64 0.87 -4.34
C ASP A 138 1.31 0.15 -4.09
N VAL A 139 0.84 -0.61 -5.08
CA VAL A 139 -0.38 -1.40 -4.92
C VAL A 139 -0.21 -2.48 -3.86
N VAL A 140 0.87 -3.27 -3.97
CA VAL A 140 1.12 -4.32 -2.99
C VAL A 140 1.20 -3.73 -1.57
N ALA A 141 1.96 -2.65 -1.41
CA ALA A 141 2.12 -2.05 -0.11
C ALA A 141 0.81 -1.40 0.38
N HIS A 142 0.03 -0.84 -0.54
CA HIS A 142 -1.31 -0.33 -0.23
C HIS A 142 -2.14 -1.45 0.39
N GLU A 143 -2.14 -2.62 -0.23
CA GLU A 143 -2.94 -3.73 0.27
C GLU A 143 -2.44 -4.23 1.63
N LEU A 144 -1.13 -4.43 1.77
CA LEU A 144 -0.64 -4.94 3.05
C LEU A 144 -0.87 -3.90 4.16
N THR A 145 -0.84 -2.62 3.81
CA THR A 145 -1.10 -1.59 4.80
C THR A 145 -2.55 -1.64 5.31
N HIS A 146 -3.50 -2.07 4.49
CA HIS A 146 -4.85 -2.27 4.99
C HIS A 146 -4.84 -3.25 6.18
N ALA A 147 -4.02 -4.29 6.09
CA ALA A 147 -3.92 -5.26 7.17
C ALA A 147 -3.34 -4.60 8.43
N VAL A 148 -2.31 -3.77 8.24
CA VAL A 148 -1.70 -3.03 9.34
C VAL A 148 -2.73 -2.13 10.01
N THR A 149 -3.47 -1.38 9.20
CA THR A 149 -4.54 -0.53 9.73
C THR A 149 -5.57 -1.33 10.53
N ASP A 150 -6.03 -2.45 9.96
CA ASP A 150 -7.04 -3.24 10.62
C ASP A 150 -6.57 -3.79 11.97
N TYR A 151 -5.27 -4.07 12.09
CA TYR A 151 -4.72 -4.59 13.34
C TYR A 151 -4.39 -3.48 14.34
N THR A 152 -4.40 -2.24 13.91
CA THR A 152 -3.99 -1.14 14.77
C THR A 152 -5.16 -0.17 14.99
N ALA A 153 -5.19 0.93 14.26
CA ALA A 153 -6.28 1.90 14.43
C ALA A 153 -7.66 1.27 14.21
N GLY A 154 -7.77 0.38 13.22
CA GLY A 154 -9.05 -0.27 12.96
C GLY A 154 -10.08 0.63 12.30
N LEU A 155 -9.59 1.66 11.62
CA LEU A 155 -10.45 2.62 10.92
C LEU A 155 -11.57 1.95 10.12
N ILE A 156 -12.80 2.25 10.49
CA ILE A 156 -13.99 1.71 9.83
C ILE A 156 -14.01 2.16 8.36
N TYR A 157 -14.35 1.25 7.45
CA TYR A 157 -14.19 1.50 6.02
C TYR A 157 -15.37 2.25 5.39
N GLN A 158 -15.68 3.41 5.94
CA GLN A 158 -16.73 4.26 5.37
C GLN A 158 -16.55 5.69 5.84
N ASN A 159 -17.02 6.63 5.02
CA ASN A 159 -17.01 8.05 5.37
C ASN A 159 -15.61 8.53 5.76
N GLU A 160 -15.49 9.43 6.75
CA GLU A 160 -14.16 10.00 7.01
C GLU A 160 -13.14 8.99 7.52
N SER A 161 -13.53 8.11 8.43
CA SER A 161 -12.59 7.10 8.90
CA SER A 161 -12.62 7.07 8.92
C SER A 161 -12.11 6.23 7.75
N GLY A 162 -13.00 5.93 6.81
CA GLY A 162 -12.64 5.11 5.67
C GLY A 162 -11.71 5.83 4.71
N ALA A 163 -11.92 7.15 4.57
CA ALA A 163 -11.03 7.95 3.73
C ALA A 163 -9.64 8.04 4.37
N ILE A 164 -9.58 8.08 5.70
CA ILE A 164 -8.29 8.04 6.38
C ILE A 164 -7.62 6.68 6.15
N ASN A 165 -8.41 5.62 6.29
CA ASN A 165 -7.94 4.25 6.04
C ASN A 165 -7.28 4.20 4.65
N GLU A 166 -8.00 4.68 3.64
CA GLU A 166 -7.47 4.72 2.27
C GLU A 166 -6.19 5.55 2.14
N ALA A 167 -6.20 6.74 2.73
CA ALA A 167 -5.04 7.60 2.64
C ALA A 167 -3.81 6.94 3.29
N ILE A 168 -4.01 6.30 4.44
CA ILE A 168 -2.93 5.58 5.11
C ILE A 168 -2.31 4.54 4.16
N SER A 169 -3.16 3.80 3.46
CA SER A 169 -2.66 2.83 2.47
C SER A 169 -1.94 3.49 1.28
N ASP A 170 -2.41 4.64 0.82
CA ASP A 170 -1.71 5.36 -0.26
C ASP A 170 -0.39 5.93 0.23
N ILE A 171 -0.40 6.48 1.45
CA ILE A 171 0.80 7.08 2.03
C ILE A 171 1.90 6.04 2.19
N PHE A 172 1.60 4.94 2.87
CA PHE A 172 2.61 3.91 3.04
C PHE A 172 2.93 3.14 1.75
N GLY A 173 1.95 3.02 0.85
CA GLY A 173 2.23 2.43 -0.44
C GLY A 173 3.31 3.25 -1.13
N THR A 174 3.16 4.57 -1.05
CA THR A 174 4.12 5.48 -1.67
C THR A 174 5.47 5.47 -0.94
N LEU A 175 5.44 5.47 0.39
CA LEU A 175 6.69 5.42 1.12
C LEU A 175 7.45 4.11 0.84
N VAL A 176 6.73 3.01 0.67
CA VAL A 176 7.39 1.77 0.30
C VAL A 176 7.97 1.86 -1.12
N GLU A 177 7.23 2.50 -2.02
CA GLU A 177 7.75 2.71 -3.37
C GLU A 177 9.05 3.51 -3.34
N PHE A 178 9.10 4.57 -2.52
CA PHE A 178 10.36 5.31 -2.35
C PHE A 178 11.46 4.47 -1.70
N TYR A 179 11.08 3.63 -0.73
CA TYR A 179 12.03 2.78 -0.05
C TYR A 179 12.73 1.85 -1.04
N ALA A 180 11.96 1.26 -1.96
CA ALA A 180 12.53 0.40 -2.98
C ALA A 180 13.33 1.21 -4.02
N ASN A 181 12.95 2.47 -4.19
CA ASN A 181 13.70 3.43 -5.01
C ASN A 181 13.79 3.10 -6.49
N LYS A 182 12.72 2.51 -7.04
CA LYS A 182 12.62 2.31 -8.48
C LYS A 182 11.48 3.16 -9.05
N ASN A 183 11.84 4.18 -9.82
CA ASN A 183 10.88 5.13 -10.37
C ASN A 183 9.85 5.62 -9.35
N PRO A 184 10.31 6.11 -8.19
CA PRO A 184 9.33 6.50 -7.18
C PRO A 184 8.63 7.79 -7.54
N ASP A 185 7.40 7.92 -7.08
CA ASP A 185 6.60 9.11 -7.31
C ASP A 185 5.50 9.20 -6.27
N TRP A 186 4.69 10.25 -6.35
CA TRP A 186 3.57 10.42 -5.43
C TRP A 186 2.24 10.10 -6.12
N GLU A 187 2.30 9.23 -7.12
CA GLU A 187 1.11 8.77 -7.84
C GLU A 187 0.81 7.34 -7.40
N ILE A 188 -0.44 6.92 -7.59
CA ILE A 188 -0.84 5.57 -7.18
C ILE A 188 -1.19 4.68 -8.37
N GLY A 189 -0.48 3.56 -8.49
CA GLY A 189 -0.85 2.53 -9.45
C GLY A 189 -0.37 2.74 -10.87
N GLU A 190 0.50 3.74 -11.07
CA GLU A 190 0.95 4.08 -12.41
C GLU A 190 1.61 2.91 -13.17
N ASP A 191 2.21 1.97 -12.44
CA ASP A 191 2.93 0.89 -13.11
C ASP A 191 2.02 -0.16 -13.73
N VAL A 192 0.77 -0.23 -13.28
CA VAL A 192 -0.14 -1.27 -13.75
C VAL A 192 -1.42 -0.73 -14.39
N TYR A 193 -1.62 0.57 -14.31
CA TYR A 193 -2.82 1.22 -14.85
C TYR A 193 -2.66 1.58 -16.33
N THR A 194 -3.67 1.26 -17.12
CA THR A 194 -3.75 1.64 -18.54
C THR A 194 -2.45 1.50 -19.32
N PRO A 195 -2.07 0.28 -19.67
CA PRO A 195 -0.83 0.08 -20.43
C PRO A 195 -0.78 0.88 -21.74
N GLY A 196 -1.93 1.23 -22.28
CA GLY A 196 -1.97 1.97 -23.52
C GLY A 196 -1.83 3.48 -23.40
N ILE A 197 -1.81 3.97 -22.16
CA ILE A 197 -1.73 5.41 -21.91
C ILE A 197 -0.57 5.71 -20.97
N SER A 198 0.39 6.49 -21.43
CA SER A 198 1.54 6.82 -20.60
C SER A 198 1.24 8.05 -19.73
N GLY A 199 1.81 8.08 -18.54
CA GLY A 199 1.79 9.29 -17.73
C GLY A 199 0.61 9.47 -16.80
N ASP A 200 -0.31 8.50 -16.79
CA ASP A 200 -1.48 8.60 -15.92
C ASP A 200 -1.36 7.65 -14.72
N SER A 201 -2.37 7.68 -13.86
CA SER A 201 -2.40 6.82 -12.68
C SER A 201 -3.81 6.84 -12.13
N LEU A 202 -4.03 6.10 -11.05
CA LEU A 202 -5.35 6.01 -10.45
C LEU A 202 -5.68 7.22 -9.59
N ARG A 203 -4.68 7.69 -8.85
CA ARG A 203 -4.79 8.83 -7.95
C ARG A 203 -3.46 9.54 -7.91
N SER A 204 -3.49 10.84 -7.60
CA SER A 204 -2.28 11.59 -7.36
C SER A 204 -2.34 12.15 -5.96
N MET A 205 -1.28 11.96 -5.17
CA MET A 205 -1.20 12.57 -3.85
C MET A 205 -0.78 14.03 -3.94
N SER A 206 0.07 14.34 -4.91
CA SER A 206 0.58 15.69 -5.07
C SER A 206 -0.47 16.65 -5.63
N ASP A 207 -1.34 16.12 -6.49
CA ASP A 207 -2.44 16.90 -7.04
C ASP A 207 -3.66 16.01 -7.24
N PRO A 208 -4.39 15.73 -6.16
CA PRO A 208 -5.54 14.81 -6.28
C PRO A 208 -6.55 15.24 -7.34
N ALA A 209 -6.66 16.54 -7.57
CA ALA A 209 -7.64 17.05 -8.52
C ALA A 209 -7.33 16.63 -9.96
N LYS A 210 -6.09 16.24 -10.22
CA LYS A 210 -5.68 15.80 -11.55
C LYS A 210 -6.58 14.65 -12.01
N TYR A 211 -6.99 13.80 -11.06
CA TYR A 211 -7.86 12.66 -11.37
C TYR A 211 -9.22 12.81 -10.71
N GLY A 212 -9.64 14.06 -10.49
CA GLY A 212 -10.98 14.38 -10.03
C GLY A 212 -11.26 14.24 -8.54
N ASP A 213 -10.22 14.09 -7.73
CA ASP A 213 -10.42 13.91 -6.29
C ASP A 213 -10.21 15.24 -5.54
N PRO A 214 -10.90 15.41 -4.40
CA PRO A 214 -10.79 16.68 -3.67
C PRO A 214 -9.42 16.88 -3.04
N ASP A 215 -9.00 18.14 -2.97
CA ASP A 215 -7.74 18.52 -2.35
C ASP A 215 -7.98 19.55 -1.26
N HIS A 216 -9.25 19.64 -0.85
CA HIS A 216 -9.64 20.56 0.20
CA HIS A 216 -9.69 20.64 0.13
C HIS A 216 -10.94 20.06 0.80
N TYR A 217 -11.04 20.19 2.13
CA TYR A 217 -12.21 19.68 2.84
C TYR A 217 -13.53 20.26 2.33
N SER A 218 -13.49 21.48 1.80
CA SER A 218 -14.68 22.11 1.26
C SER A 218 -15.22 21.38 0.03
N LYS A 219 -14.39 20.53 -0.56
CA LYS A 219 -14.77 19.81 -1.78
C LYS A 219 -15.05 18.34 -1.50
N ARG A 220 -15.18 17.99 -0.23
CA ARG A 220 -15.41 16.59 0.13
C ARG A 220 -16.72 16.05 -0.45
N TYR A 221 -16.70 14.79 -0.83
CA TYR A 221 -17.87 14.07 -1.30
C TYR A 221 -18.67 13.57 -0.09
N THR A 222 -19.98 13.74 -0.12
CA THR A 222 -20.81 13.31 1.01
C THR A 222 -21.96 12.41 0.59
N GLY A 223 -21.84 11.83 -0.61
CA GLY A 223 -22.82 10.88 -1.10
C GLY A 223 -22.50 9.48 -0.60
N THR A 224 -23.17 8.48 -1.18
CA THR A 224 -23.07 7.13 -0.67
C THR A 224 -22.21 6.19 -1.52
N GLN A 225 -21.85 6.63 -2.71
N GLN A 225 -21.85 6.60 -2.72
CA GLN A 225 -20.98 5.84 -3.58
CA GLN A 225 -21.02 5.76 -3.57
C GLN A 225 -19.65 5.56 -2.89
C GLN A 225 -19.66 5.57 -2.94
N ASP A 226 -19.03 4.44 -3.22
CA ASP A 226 -17.67 4.16 -2.78
C ASP A 226 -17.56 4.23 -1.25
N ASN A 227 -18.53 3.63 -0.57
CA ASN A 227 -18.55 3.64 0.89
C ASN A 227 -18.47 5.05 1.48
N GLY A 228 -19.14 5.99 0.84
CA GLY A 228 -19.09 7.36 1.30
C GLY A 228 -17.82 8.07 0.84
N GLY A 229 -17.31 7.65 -0.33
CA GLY A 229 -16.18 8.30 -0.95
C GLY A 229 -14.81 7.99 -0.37
N VAL A 230 -14.59 6.77 0.12
CA VAL A 230 -13.31 6.48 0.78
C VAL A 230 -12.10 6.64 -0.15
N HIS A 231 -12.26 6.34 -1.44
CA HIS A 231 -11.17 6.50 -2.42
C HIS A 231 -11.14 7.89 -3.04
N ILE A 232 -12.12 8.72 -2.67
CA ILE A 232 -12.27 10.06 -3.22
C ILE A 232 -11.77 11.06 -2.19
N ASN A 233 -12.37 11.03 -1.01
CA ASN A 233 -11.97 11.93 0.07
C ASN A 233 -10.58 11.64 0.63
N SER A 234 -10.01 10.48 0.30
CA SER A 234 -8.63 10.20 0.64
C SER A 234 -7.71 11.29 0.06
N GLY A 235 -8.15 11.92 -1.04
CA GLY A 235 -7.34 12.96 -1.67
C GLY A 235 -7.01 14.11 -0.72
N ILE A 236 -7.93 14.41 0.18
CA ILE A 236 -7.73 15.53 1.10
C ILE A 236 -6.58 15.22 2.05
N ILE A 237 -6.56 13.99 2.56
CA ILE A 237 -5.49 13.57 3.45
C ILE A 237 -4.19 13.28 2.70
N ASN A 238 -4.28 12.67 1.52
CA ASN A 238 -3.10 12.46 0.69
C ASN A 238 -2.39 13.78 0.38
N LYS A 239 -3.18 14.81 0.08
CA LYS A 239 -2.62 16.14 -0.18
C LYS A 239 -1.90 16.66 1.06
N ALA A 240 -2.53 16.52 2.23
CA ALA A 240 -1.88 16.97 3.46
C ALA A 240 -0.55 16.25 3.69
N ALA A 241 -0.53 14.94 3.48
CA ALA A 241 0.68 14.15 3.64
C ALA A 241 1.77 14.59 2.66
N TYR A 242 1.39 14.76 1.40
CA TYR A 242 2.32 15.27 0.39
C TYR A 242 2.91 16.61 0.83
N LEU A 243 2.07 17.52 1.30
CA LEU A 243 2.54 18.84 1.73
C LEU A 243 3.49 18.73 2.93
N ILE A 244 3.15 17.90 3.91
CA ILE A 244 4.03 17.71 5.06
C ILE A 244 5.41 17.28 4.59
N SER A 245 5.47 16.34 3.64
CA SER A 245 6.75 15.82 3.19
C SER A 245 7.52 16.80 2.29
N GLN A 246 6.82 17.32 1.28
CA GLN A 246 7.47 18.01 0.16
C GLN A 246 7.29 19.52 0.20
N GLY A 247 6.35 19.98 1.03
CA GLY A 247 6.05 21.40 1.11
C GLY A 247 5.27 21.91 -0.09
N GLY A 248 4.92 23.19 -0.05
CA GLY A 248 4.25 23.85 -1.16
C GLY A 248 3.27 24.89 -0.66
N THR A 249 2.69 25.64 -1.59
CA THR A 249 1.65 26.61 -1.25
C THR A 249 0.36 26.18 -1.94
N HIS A 250 -0.67 25.98 -1.14
CA HIS A 250 -1.91 25.37 -1.59
C HIS A 250 -3.06 26.26 -1.11
N TYR A 251 -3.85 26.76 -2.06
CA TYR A 251 -4.87 27.78 -1.77
C TYR A 251 -4.29 28.89 -0.89
N GLY A 252 -3.07 29.32 -1.21
CA GLY A 252 -2.45 30.44 -0.53
C GLY A 252 -1.79 30.13 0.80
N VAL A 253 -1.89 28.87 1.24
CA VAL A 253 -1.28 28.47 2.51
C VAL A 253 0.04 27.75 2.25
N SER A 254 1.12 28.29 2.80
CA SER A 254 2.45 27.73 2.57
C SER A 254 2.86 26.72 3.64
N VAL A 255 3.38 25.59 3.19
CA VAL A 255 3.82 24.53 4.09
C VAL A 255 5.30 24.28 3.88
N VAL A 256 6.06 24.24 4.97
CA VAL A 256 7.47 23.89 4.90
C VAL A 256 7.63 22.37 4.98
N GLY A 257 8.19 21.78 3.93
CA GLY A 257 8.33 20.34 3.87
C GLY A 257 9.38 19.82 4.84
N ILE A 258 9.12 18.64 5.42
CA ILE A 258 10.05 18.04 6.39
C ILE A 258 10.61 16.70 5.93
N GLY A 259 10.19 16.24 4.75
CA GLY A 259 10.74 15.02 4.17
C GLY A 259 9.94 13.77 4.44
N ARG A 260 10.19 12.75 3.63
CA ARG A 260 9.39 11.52 3.67
CA ARG A 260 9.44 11.49 3.65
C ARG A 260 9.60 10.72 4.94
N ASP A 261 10.83 10.67 5.45
CA ASP A 261 11.09 9.87 6.62
C ASP A 261 10.28 10.38 7.82
N LYS A 262 10.29 11.69 8.03
CA LYS A 262 9.51 12.26 9.12
C LYS A 262 8.00 12.13 8.89
N LEU A 263 7.55 12.29 7.65
CA LEU A 263 6.13 12.03 7.33
C LEU A 263 5.77 10.62 7.79
N GLY A 264 6.59 9.64 7.43
CA GLY A 264 6.33 8.25 7.79
C GLY A 264 6.31 8.03 9.29
N LYS A 265 7.24 8.64 10.00
CA LYS A 265 7.30 8.46 11.46
C LYS A 265 6.04 9.04 12.10
N ILE A 266 5.65 10.23 11.64
CA ILE A 266 4.52 10.92 12.23
C ILE A 266 3.24 10.13 11.98
N PHE A 267 3.02 9.71 10.73
CA PHE A 267 1.81 8.96 10.42
C PHE A 267 1.81 7.55 10.99
N TYR A 268 2.97 6.90 11.08
CA TYR A 268 3.02 5.58 11.69
C TYR A 268 2.63 5.68 13.16
N ARG A 269 3.16 6.69 13.84
CA ARG A 269 2.82 6.89 15.25
C ARG A 269 1.33 7.21 15.43
N ALA A 270 0.80 8.07 14.55
CA ALA A 270 -0.61 8.41 14.62
C ALA A 270 -1.46 7.15 14.46
N LEU A 271 -1.13 6.34 13.45
CA LEU A 271 -1.88 5.13 13.13
C LEU A 271 -1.89 4.15 14.30
N THR A 272 -0.75 4.03 14.97
CA THR A 272 -0.59 2.96 15.95
C THR A 272 -0.80 3.38 17.41
N GLN A 273 -0.84 4.69 17.69
CA GLN A 273 -0.96 5.17 19.07
CA GLN A 273 -0.99 5.13 19.08
C GLN A 273 -2.15 6.07 19.32
N TYR A 274 -2.71 6.67 18.27
CA TYR A 274 -3.73 7.70 18.48
C TYR A 274 -5.06 7.52 17.74
N LEU A 275 -5.00 7.05 16.50
CA LEU A 275 -6.23 6.88 15.73
C LEU A 275 -7.07 5.72 16.29
N THR A 276 -8.38 5.82 16.10
CA THR A 276 -9.30 4.80 16.57
C THR A 276 -10.22 4.42 15.41
N PRO A 277 -11.09 3.43 15.63
CA PRO A 277 -11.91 2.99 14.49
C PRO A 277 -12.82 4.11 13.94
N THR A 278 -13.18 5.08 14.77
CA THR A 278 -14.11 6.11 14.32
C THR A 278 -13.48 7.49 14.08
N SER A 279 -12.15 7.56 14.05
CA SER A 279 -11.51 8.86 13.87
C SER A 279 -11.99 9.58 12.61
N ASN A 280 -12.29 10.87 12.73
CA ASN A 280 -12.58 11.71 11.57
C ASN A 280 -11.36 12.55 11.19
N PHE A 281 -11.49 13.37 10.16
CA PHE A 281 -10.36 14.16 9.69
C PHE A 281 -9.79 15.08 10.76
N SER A 282 -10.67 15.74 11.52
CA SER A 282 -10.23 16.64 12.58
C SER A 282 -9.43 15.87 13.63
N GLN A 283 -9.87 14.66 13.93
CA GLN A 283 -9.19 13.83 14.90
C GLN A 283 -7.85 13.32 14.38
N LEU A 284 -7.76 13.08 13.07
CA LEU A 284 -6.47 12.74 12.47
C LEU A 284 -5.50 13.91 12.60
N ARG A 285 -5.98 15.12 12.36
CA ARG A 285 -5.12 16.30 12.52
C ARG A 285 -4.54 16.31 13.93
N ALA A 286 -5.41 16.11 14.92
CA ALA A 286 -4.98 16.11 16.32
C ALA A 286 -3.98 15.00 16.59
N ALA A 287 -4.24 13.82 16.02
CA ALA A 287 -3.35 12.68 16.20
C ALA A 287 -1.97 12.93 15.59
N ALA A 288 -1.95 13.53 14.40
CA ALA A 288 -0.70 13.85 13.73
C ALA A 288 0.08 14.95 14.47
N VAL A 289 -0.62 15.98 14.95
CA VAL A 289 0.04 17.02 15.75
C VAL A 289 0.65 16.43 17.01
N GLN A 290 -0.10 15.56 17.69
CA GLN A 290 0.42 14.95 18.92
C GLN A 290 1.59 14.04 18.62
N SER A 291 1.50 13.31 17.53
CA SER A 291 2.58 12.39 17.13
C SER A 291 3.86 13.17 16.86
N ALA A 292 3.73 14.25 16.09
CA ALA A 292 4.87 15.11 15.80
C ALA A 292 5.44 15.74 17.07
N THR A 293 4.56 16.08 18.01
CA THR A 293 4.98 16.64 19.29
C THR A 293 5.80 15.62 20.09
N ASP A 294 5.32 14.38 20.14
CA ASP A 294 6.03 13.31 20.83
C ASP A 294 7.43 13.13 20.26
N LEU A 295 7.52 13.14 18.93
CA LEU A 295 8.77 12.80 18.25
C LEU A 295 9.77 13.94 18.19
N TYR A 296 9.28 15.17 18.04
CA TYR A 296 10.15 16.30 17.72
C TYR A 296 10.02 17.51 18.65
N GLY A 297 9.00 17.53 19.49
CA GLY A 297 8.82 18.60 20.44
C GLY A 297 7.78 19.60 20.00
N SER A 298 7.08 20.19 20.96
CA SER A 298 5.98 21.10 20.67
C SER A 298 6.38 22.34 19.86
N THR A 299 7.62 22.78 20.00
CA THR A 299 8.08 24.00 19.31
C THR A 299 8.78 23.70 17.99
N SER A 300 8.72 22.44 17.56
CA SER A 300 9.48 22.01 16.40
C SER A 300 8.88 22.48 15.07
N GLN A 301 9.74 22.55 14.07
CA GLN A 301 9.30 22.80 12.70
C GLN A 301 8.32 21.71 12.25
N GLU A 302 8.58 20.48 12.70
CA GLU A 302 7.75 19.35 12.30
C GLU A 302 6.29 19.54 12.73
N VAL A 303 6.09 19.94 13.98
CA VAL A 303 4.75 20.24 14.47
C VAL A 303 4.12 21.40 13.69
N ALA A 304 4.90 22.45 13.47
CA ALA A 304 4.40 23.61 12.73
C ALA A 304 3.94 23.21 11.32
N SER A 305 4.72 22.35 10.67
CA SER A 305 4.41 21.92 9.31
C SER A 305 3.17 21.04 9.22
N VAL A 306 2.98 20.18 10.22
CA VAL A 306 1.76 19.37 10.27
C VAL A 306 0.54 20.30 10.34
N LYS A 307 0.60 21.31 11.21
CA LYS A 307 -0.52 22.25 11.31
C LYS A 307 -0.76 22.99 10.01
N GLN A 308 0.32 23.47 9.39
CA GLN A 308 0.23 24.19 8.11
C GLN A 308 -0.44 23.32 7.06
N ALA A 309 -0.04 22.05 6.98
CA ALA A 309 -0.57 21.15 5.95
C ALA A 309 -2.07 20.91 6.12
N PHE A 310 -2.51 20.64 7.35
CA PHE A 310 -3.93 20.46 7.59
C PHE A 310 -4.71 21.77 7.38
N ASP A 311 -4.12 22.90 7.75
CA ASP A 311 -4.72 24.20 7.45
C ASP A 311 -4.92 24.31 5.93
N ALA A 312 -3.88 23.96 5.18
CA ALA A 312 -3.93 24.10 3.72
C ALA A 312 -5.06 23.30 3.07
N VAL A 313 -5.39 22.14 3.64
CA VAL A 313 -6.48 21.33 3.09
C VAL A 313 -7.81 21.55 3.82
N GLY A 314 -7.87 22.57 4.67
CA GLY A 314 -9.13 22.95 5.27
C GLY A 314 -9.62 22.08 6.41
N VAL A 315 -8.71 21.36 7.04
CA VAL A 315 -9.04 20.51 8.18
C VAL A 315 -8.56 21.12 9.48
N LYS A 316 -9.50 21.46 10.36
CA LYS A 316 -9.17 22.08 11.65
C LYS A 316 -9.33 21.10 12.81
C3 UBV B . -13.88 -4.91 2.55
C2 UBV B . -13.71 -6.05 3.33
C1 UBV B . -13.29 -7.24 2.73
C6 UBV B . -13.05 -7.28 1.36
C5 UBV B . -13.22 -6.14 0.59
C4 UBV B . -13.64 -4.96 1.19
C7 UBV B . -13.81 -3.71 0.35
O8 UBV B . -12.55 -3.07 0.19
O8 UBV B . -12.52 -3.12 0.23
C9 UBV B . -11.91 -3.09 -1.10
C9 UBV B . -12.08 -2.70 -1.06
O21 UBV B . -12.26 -3.91 -1.92
O21 UBV B . -12.93 -2.49 -1.89
N10 UBV B . -10.93 -2.23 -1.32
N10 UBV B . -10.78 -2.57 -1.30
C11 UBV B . -10.19 -2.15 -2.55
P12 UBV B . -8.55 -1.48 -2.27
O22 UBV B . -8.62 -0.05 -1.83
O23 UBV B . -7.77 -2.38 -1.34
N13 UBV B . -7.90 -1.49 -3.87
C14 UBV B . -7.15 -0.36 -4.39
C15 UBV B . -8.04 0.76 -4.87
O28 UBV B . -7.72 1.94 -4.70
C24 UBV B . -6.31 -0.90 -5.52
C25 UBV B . -5.36 0.12 -6.14
C26 UBV B . -4.75 -0.43 -7.43
C27 UBV B . -4.30 0.57 -5.14
N16 UBV B . -9.16 0.39 -5.48
C17 UBV B . -10.13 1.36 -5.99
C18 UBV B . -11.54 0.94 -5.65
O19 UBV B . -12.45 1.77 -5.83
C29 UBV B . -9.97 1.54 -7.52
C30 UBV B . -10.14 0.24 -8.30
C UBV B . -8.64 2.22 -7.86
C31 UBV B . -10.22 0.50 -9.79
O20 UBV B . -11.76 -0.21 -5.20
C1 GOL C . -13.97 -4.93 -9.09
O1 GOL C . -13.70 -3.85 -8.29
C2 GOL C . -13.67 -4.76 -10.55
O2 GOL C . -14.32 -3.69 -11.12
C3 GOL C . -13.78 -6.01 -11.37
O3 GOL C . -13.19 -5.97 -12.62
C1 GOL D . 6.58 26.59 -1.14
O1 GOL D . 6.44 25.98 -2.37
C2 GOL D . 7.60 26.00 -0.22
O2 GOL D . 7.43 24.65 -0.02
C3 GOL D . 7.67 26.71 1.09
O3 GOL D . 6.52 26.61 1.85
C1 GOL E . -9.50 -3.03 1.63
O1 GOL E . -8.82 -3.85 0.74
C2 GOL E . -10.40 -3.70 2.61
O2 GOL E . -9.73 -4.62 3.38
C3 GOL E . -11.19 -2.75 3.43
O3 GOL E . -10.47 -1.99 4.34
S DMS F . 10.24 -24.58 6.20
O DMS F . 10.14 -26.21 6.94
C1 DMS F . 9.09 -23.49 7.04
C2 DMS F . 11.92 -23.96 6.40
S DMS G . -11.40 26.79 -0.51
O DMS G . -11.59 26.63 -2.29
C1 DMS G . -9.68 27.17 -0.13
C2 DMS G . -12.45 28.14 0.07
S DMS H . -14.44 -5.74 -3.59
O DMS H . -15.99 -6.08 -4.44
C1 DMS H . -13.66 -7.29 -3.12
C2 DMS H . -13.32 -4.89 -4.72
S DMS I . 6.67 -6.11 19.48
O DMS I . 5.60 -6.09 20.93
C1 DMS I . 8.10 -5.07 19.79
C2 DMS I . 7.21 -7.79 19.14
ZN ZN J . -7.43 0.57 -0.37
CA CA K . 6.48 4.82 -9.69
CA CA L . 3.45 5.22 -7.39
CA CA M . -1.10 4.06 -17.94
CA CA N . 9.22 -23.06 -13.62
#